data_4HPP
#
_entry.id   4HPP
#
_cell.length_a   140.010
_cell.length_b   140.010
_cell.length_c   45.030
_cell.angle_alpha   90.00
_cell.angle_beta   90.00
_cell.angle_gamma   120.00
#
_symmetry.space_group_name_H-M   'P 6'
#
loop_
_entity.id
_entity.type
_entity.pdbx_description
1 polymer 'Probable glutamine synthetase'
2 non-polymer 'MAGNESIUM ION'
3 non-polymer 'CALCIUM ION'
4 non-polymer 'GLUTAMIC ACID'
5 water water
#
_entity_poly.entity_id   1
_entity_poly.type   'polypeptide(L)'
_entity_poly.pdbx_seq_one_letter_code
;MNRLQPVRLVSFVTTDLAGITRGRSLPLATLEEQLASGCGWVPANSSLTPQDLIDESSPWGSHGDLRLLPDPNSRVRVEQ
GPDAAAPALDYLHGNLVETDGTPWPACPRSLLRAEVERYRDSGLQVIAAFEHEFSLLGLPGERPAAAFSLQAQRAAGQFP
GWLVSALAQAGTEPEMFLPEYGQRQYEVTCRPAQGVAAADRAVNVREVTREVARQMGLRTCFAPLPAPGAVTNGVHLHLS
LQHADGSPLLYEPGRPNDLSELGEHWAAGVLAHLPALCALTAPTAASYLRLKPHHWSAAYACLGLRNREAALRICPVVSV
GGKPLGKQYNLEFRPMDATTCPHLAMAAVLIAGRLGIERRLPLRALADVDPHGLSDEERQARGIQALPATLGDALDCLQR
DEALCAELPKPLLDTYLAMKRHELALTAGLSDDDLCRHYAELY
;
_entity_poly.pdbx_strand_id   A
#
loop_
_chem_comp.id
_chem_comp.type
_chem_comp.name
_chem_comp.formula
CA non-polymer 'CALCIUM ION' 'Ca 2'
MG non-polymer 'MAGNESIUM ION' 'Mg 2'
#
# COMPACT_ATOMS: atom_id res chain seq x y z
N MET A 1 41.98 -5.79 -21.96
CA MET A 1 41.63 -5.06 -23.22
C MET A 1 40.44 -4.14 -22.93
N ASN A 2 39.36 -4.74 -22.45
CA ASN A 2 38.13 -4.09 -22.02
C ASN A 2 37.83 -4.62 -20.61
N ARG A 3 37.47 -3.76 -19.66
CA ARG A 3 37.02 -4.25 -18.36
C ARG A 3 35.56 -4.67 -18.47
N LEU A 4 35.29 -5.97 -18.30
CA LEU A 4 33.92 -6.48 -18.46
C LEU A 4 32.94 -5.91 -17.43
N GLN A 5 31.66 -5.98 -17.81
CA GLN A 5 30.51 -5.58 -17.01
C GLN A 5 29.77 -6.79 -16.44
N PRO A 6 29.25 -6.65 -15.21
CA PRO A 6 28.22 -7.52 -14.61
C PRO A 6 26.97 -7.54 -15.45
N VAL A 7 26.27 -8.65 -15.51
CA VAL A 7 25.09 -8.70 -16.36
C VAL A 7 23.98 -7.88 -15.70
N ARG A 8 23.18 -7.16 -16.47
CA ARG A 8 22.05 -6.48 -15.91
C ARG A 8 20.95 -7.52 -15.83
N LEU A 9 20.41 -7.72 -14.61
CA LEU A 9 19.28 -8.62 -14.35
C LEU A 9 17.93 -7.87 -14.32
N VAL A 10 16.90 -8.46 -14.92
CA VAL A 10 15.59 -7.88 -14.83
C VAL A 10 14.76 -8.78 -13.91
N SER A 11 14.09 -8.21 -12.93
CA SER A 11 13.17 -8.99 -12.14
C SER A 11 11.71 -8.90 -12.58
N PHE A 12 10.99 -10.02 -12.51
CA PHE A 12 9.52 -10.04 -12.49
C PHE A 12 9.09 -10.19 -11.01
N VAL A 13 8.25 -9.25 -10.55
CA VAL A 13 7.76 -9.24 -9.20
C VAL A 13 6.25 -9.37 -9.04
N THR A 14 5.85 -9.84 -7.86
CA THR A 14 4.46 -9.75 -7.41
C THR A 14 4.54 -9.32 -6.00
N THR A 15 3.51 -8.62 -5.53
CA THR A 15 3.47 -8.19 -4.14
C THR A 15 2.38 -9.05 -3.51
N ASP A 16 2.75 -9.88 -2.53
CA ASP A 16 1.82 -10.89 -2.06
C ASP A 16 0.95 -10.33 -1.00
N LEU A 17 0.11 -11.21 -0.44
CA LEU A 17 -1.00 -10.78 0.42
C LEU A 17 -0.42 -10.38 1.76
N ALA A 18 0.84 -10.77 1.89
CA ALA A 18 1.63 -10.47 3.07
C ALA A 18 2.36 -9.08 2.94
N GLY A 19 2.11 -8.42 1.81
CA GLY A 19 2.66 -7.10 1.53
C GLY A 19 4.14 -7.16 1.24
N ILE A 20 4.63 -8.36 0.91
CA ILE A 20 6.01 -8.56 0.44
C ILE A 20 6.09 -8.68 -1.09
N THR A 21 7.09 -8.04 -1.70
CA THR A 21 7.32 -8.08 -3.17
C THR A 21 8.43 -9.06 -3.44
N ARG A 22 8.13 -10.03 -4.28
CA ARG A 22 8.94 -11.21 -4.52
C ARG A 22 9.07 -11.40 -6.03
N GLY A 23 10.14 -12.04 -6.49
CA GLY A 23 10.19 -12.41 -7.87
C GLY A 23 11.44 -13.15 -8.22
N ARG A 24 11.79 -13.11 -9.51
CA ARG A 24 12.86 -13.90 -10.08
C ARG A 24 13.46 -13.08 -11.15
N SER A 25 14.73 -13.30 -11.49
CA SER A 25 15.32 -12.41 -12.47
C SER A 25 16.03 -13.14 -13.58
N LEU A 26 16.24 -12.43 -14.68
CA LEU A 26 16.85 -13.00 -15.90
C LEU A 26 17.81 -12.00 -16.54
N PRO A 27 18.72 -12.48 -17.39
CA PRO A 27 19.60 -11.48 -18.03
C PRO A 27 18.80 -10.59 -18.97
N LEU A 28 19.13 -9.29 -18.97
CA LEU A 28 18.49 -8.32 -19.87
C LEU A 28 18.31 -8.85 -21.32
N ALA A 29 19.35 -9.47 -21.88
CA ALA A 29 19.26 -9.93 -23.27
C ALA A 29 18.07 -10.81 -23.51
N THR A 30 17.50 -11.37 -22.44
CA THR A 30 16.46 -12.40 -22.60
C THR A 30 15.09 -11.81 -22.39
N LEU A 31 15.05 -10.53 -22.02
CA LEU A 31 13.81 -9.95 -21.57
C LEU A 31 12.70 -10.18 -22.58
N GLU A 32 12.91 -9.77 -23.85
CA GLU A 32 11.94 -9.98 -24.97
C GLU A 32 11.40 -11.42 -25.05
N GLU A 33 12.27 -12.42 -25.08
CA GLU A 33 11.80 -13.78 -25.17
C GLU A 33 10.97 -14.08 -23.94
N GLN A 34 11.40 -13.56 -22.79
CA GLN A 34 10.77 -13.93 -21.51
C GLN A 34 9.39 -13.29 -21.23
N LEU A 35 9.15 -12.12 -21.82
CA LEU A 35 7.93 -11.36 -21.59
C LEU A 35 6.59 -12.12 -21.79
N ALA A 36 6.50 -12.96 -22.82
CA ALA A 36 5.24 -13.68 -23.11
C ALA A 36 4.90 -14.83 -22.14
N SER A 37 5.94 -15.52 -21.66
CA SER A 37 5.78 -16.68 -20.77
C SER A 37 5.84 -16.23 -19.31
N GLY A 38 6.42 -15.05 -19.07
CA GLY A 38 6.80 -14.62 -17.74
C GLY A 38 7.78 -15.62 -17.18
N CYS A 39 7.66 -15.90 -15.86
CA CYS A 39 8.47 -16.88 -15.11
C CYS A 39 7.60 -17.73 -14.23
N GLY A 40 8.09 -18.91 -13.87
CA GLY A 40 7.35 -19.78 -12.97
C GLY A 40 7.05 -19.14 -11.60
N TRP A 41 6.05 -19.66 -10.91
CA TRP A 41 5.75 -19.22 -9.54
C TRP A 41 4.93 -20.29 -8.89
N VAL A 42 4.94 -20.37 -7.58
CA VAL A 42 4.34 -21.53 -6.84
C VAL A 42 3.14 -20.96 -6.08
N PRO A 43 1.92 -21.52 -6.25
CA PRO A 43 0.73 -20.95 -5.60
C PRO A 43 0.85 -20.88 -4.07
N ALA A 44 1.52 -21.86 -3.49
CA ALA A 44 1.66 -21.93 -2.02
C ALA A 44 2.44 -20.75 -1.41
N ASN A 45 3.15 -19.99 -2.25
CA ASN A 45 3.86 -18.77 -1.81
C ASN A 45 2.88 -17.73 -1.28
N SER A 46 1.67 -17.76 -1.83
CA SER A 46 0.59 -16.88 -1.37
C SER A 46 0.04 -17.28 0.02
N SER A 47 0.44 -18.43 0.54
CA SER A 47 0.12 -18.69 1.94
C SER A 47 1.28 -18.34 2.90
N LEU A 48 2.37 -17.69 2.43
CA LEU A 48 3.45 -17.33 3.39
C LEU A 48 3.00 -16.17 4.23
N THR A 49 3.19 -16.34 5.54
CA THR A 49 2.93 -15.34 6.56
C THR A 49 4.10 -14.38 6.62
N PRO A 50 3.97 -13.25 7.36
CA PRO A 50 5.17 -12.42 7.45
C PRO A 50 6.42 -13.15 7.97
N GLN A 51 6.24 -14.21 8.74
CA GLN A 51 7.36 -14.90 9.37
C GLN A 51 7.89 -16.01 8.48
N ASP A 52 7.41 -16.02 7.25
CA ASP A 52 7.89 -16.91 6.18
C ASP A 52 7.47 -18.37 6.32
N LEU A 53 6.38 -18.61 7.04
CA LEU A 53 5.87 -19.97 7.24
C LEU A 53 4.57 -20.17 6.51
N ILE A 54 4.42 -21.36 5.98
CA ILE A 54 3.17 -21.85 5.43
C ILE A 54 2.61 -22.92 6.41
N ASP A 55 1.28 -22.86 6.65
CA ASP A 55 0.55 -23.92 7.37
C ASP A 55 0.08 -25.02 6.46
N GLU A 56 -0.34 -26.15 7.06
CA GLU A 56 -1.09 -27.18 6.30
C GLU A 56 -2.53 -26.70 5.93
N SER A 57 -2.98 -25.63 6.59
CA SER A 57 -4.30 -24.99 6.33
C SER A 57 -4.41 -24.25 5.00
N SER A 58 -3.33 -24.25 4.23
CA SER A 58 -3.28 -23.66 2.89
C SER A 58 -4.11 -24.46 1.91
N PRO A 59 -4.78 -23.79 0.96
CA PRO A 59 -5.51 -24.54 -0.05
C PRO A 59 -4.61 -25.03 -1.18
N TRP A 60 -3.32 -24.68 -1.11
CA TRP A 60 -2.46 -24.73 -2.31
C TRP A 60 -1.44 -25.82 -2.40
N GLY A 61 -1.22 -26.56 -1.31
CA GLY A 61 -0.36 -27.74 -1.33
C GLY A 61 -0.79 -28.73 -2.41
N SER A 62 0.18 -29.44 -2.98
CA SER A 62 -0.03 -30.22 -4.21
C SER A 62 -0.21 -29.29 -5.42
N HIS A 63 -1.44 -28.79 -5.59
CA HIS A 63 -1.88 -27.96 -6.73
C HIS A 63 -0.79 -27.48 -7.69
N GLY A 64 -1.15 -27.47 -8.98
CA GLY A 64 -0.22 -27.19 -10.08
C GLY A 64 0.24 -25.75 -10.04
N ASP A 65 1.53 -25.53 -10.34
CA ASP A 65 2.16 -24.20 -10.33
C ASP A 65 1.77 -23.16 -11.44
N LEU A 66 2.11 -21.88 -11.21
CA LEU A 66 1.56 -20.73 -11.96
C LEU A 66 2.61 -20.01 -12.82
N ARG A 67 2.13 -19.05 -13.64
CA ARG A 67 3.02 -18.13 -14.32
C ARG A 67 2.86 -16.75 -13.73
N LEU A 68 3.99 -16.04 -13.57
CA LEU A 68 4.04 -14.66 -13.17
C LEU A 68 4.33 -13.88 -14.44
N LEU A 69 3.31 -13.17 -14.91
CA LEU A 69 3.31 -12.58 -16.25
C LEU A 69 3.53 -11.07 -16.17
N PRO A 70 4.76 -10.60 -16.41
CA PRO A 70 5.10 -9.16 -16.32
C PRO A 70 4.20 -8.30 -17.21
N ASP A 71 3.67 -7.22 -16.66
CA ASP A 71 2.90 -6.30 -17.44
C ASP A 71 3.91 -5.26 -17.94
N PRO A 72 4.06 -5.13 -19.28
CA PRO A 72 5.19 -4.33 -19.81
C PRO A 72 5.05 -2.87 -19.45
N ASN A 73 3.84 -2.42 -19.15
CA ASN A 73 3.62 -1.00 -18.85
C ASN A 73 4.03 -0.53 -17.45
N SER A 74 4.38 -1.46 -16.56
CA SER A 74 4.68 -1.16 -15.16
C SER A 74 6.17 -1.14 -14.89
N ARG A 75 7.00 -1.31 -15.94
CA ARG A 75 8.43 -1.37 -15.78
C ARG A 75 9.06 -0.21 -14.97
N VAL A 76 9.90 -0.57 -13.99
CA VAL A 76 10.70 0.40 -13.24
C VAL A 76 12.17 0.27 -13.58
N ARG A 77 12.82 1.39 -13.89
CA ARG A 77 14.21 1.40 -14.30
C ARG A 77 14.87 2.49 -13.51
N VAL A 78 15.70 2.15 -12.52
CA VAL A 78 16.53 3.17 -11.85
C VAL A 78 17.94 2.80 -12.23
N GLU A 79 18.54 3.64 -13.10
CA GLU A 79 19.84 3.32 -13.66
C GLU A 79 20.92 3.67 -12.68
N GLN A 80 20.73 4.73 -11.90
CA GLN A 80 21.81 5.13 -11.02
C GLN A 80 21.35 5.53 -9.66
N GLY A 81 22.04 5.04 -8.64
CA GLY A 81 21.72 5.47 -7.28
C GLY A 81 22.97 5.98 -6.62
N PRO A 82 22.92 6.15 -5.30
CA PRO A 82 24.00 6.72 -4.51
C PRO A 82 25.37 6.06 -4.72
N ASP A 83 25.35 4.76 -4.94
CA ASP A 83 26.57 3.95 -5.11
C ASP A 83 26.80 3.78 -6.62
N ALA A 84 27.89 4.31 -7.14
CA ALA A 84 28.02 4.28 -8.64
C ALA A 84 28.33 2.88 -9.19
N ALA A 85 28.74 1.99 -8.27
CA ALA A 85 29.09 0.61 -8.61
C ALA A 85 27.89 -0.35 -8.52
N ALA A 86 26.69 0.18 -8.21
CA ALA A 86 25.58 -0.72 -7.89
C ALA A 86 24.74 -1.07 -9.11
N PRO A 87 24.11 -2.23 -9.10
CA PRO A 87 23.44 -2.56 -10.34
C PRO A 87 22.22 -1.64 -10.52
N ALA A 88 21.82 -1.39 -11.78
CA ALA A 88 20.54 -0.77 -11.95
C ALA A 88 19.51 -1.60 -11.12
N LEU A 89 18.40 -0.99 -10.77
CA LEU A 89 17.23 -1.65 -10.33
C LEU A 89 16.28 -1.75 -11.46
N ASP A 90 16.03 -2.95 -11.94
CA ASP A 90 15.19 -3.12 -13.10
C ASP A 90 14.21 -4.23 -12.90
N TYR A 91 12.93 -3.92 -12.93
CA TYR A 91 11.90 -4.98 -12.71
C TYR A 91 10.56 -4.50 -13.22
N LEU A 92 9.65 -5.45 -13.42
CA LEU A 92 8.30 -5.25 -13.89
C LEU A 92 7.30 -5.98 -12.96
N HIS A 93 6.15 -5.34 -12.72
CA HIS A 93 5.06 -5.95 -11.98
C HIS A 93 4.36 -6.89 -12.89
N GLY A 94 3.88 -7.98 -12.33
CA GLY A 94 3.25 -9.01 -13.12
C GLY A 94 1.99 -9.45 -12.45
N ASN A 95 1.14 -10.07 -13.25
CA ASN A 95 -0.04 -10.74 -12.73
C ASN A 95 0.21 -12.27 -12.75
N LEU A 96 -0.34 -13.00 -11.76
CA LEU A 96 -0.30 -14.46 -11.65
C LEU A 96 -1.46 -15.13 -12.38
N VAL A 97 -1.13 -16.14 -13.18
CA VAL A 97 -2.12 -16.81 -14.05
C VAL A 97 -1.78 -18.29 -14.07
N GLU A 98 -2.77 -19.15 -14.35
CA GLU A 98 -2.54 -20.61 -14.51
C GLU A 98 -1.82 -20.86 -15.84
N THR A 99 -1.31 -22.06 -16.13
CA THR A 99 -0.34 -22.20 -17.30
C THR A 99 -0.86 -21.88 -18.72
N ASP A 100 -2.19 -21.94 -18.89
CA ASP A 100 -2.91 -21.69 -20.16
C ASP A 100 -3.20 -20.21 -20.48
N GLY A 101 -3.03 -19.32 -19.49
CA GLY A 101 -3.40 -17.89 -19.58
C GLY A 101 -4.45 -17.42 -18.57
N THR A 102 -4.90 -18.34 -17.71
CA THR A 102 -6.11 -18.16 -16.92
C THR A 102 -5.88 -17.39 -15.62
N PRO A 103 -6.45 -16.14 -15.54
CA PRO A 103 -6.27 -15.27 -14.38
C PRO A 103 -6.48 -16.01 -13.08
N TRP A 104 -5.45 -16.04 -12.23
CA TRP A 104 -5.47 -16.76 -10.95
C TRP A 104 -6.19 -15.95 -9.94
N PRO A 105 -7.30 -16.48 -9.38
CA PRO A 105 -8.14 -15.79 -8.39
C PRO A 105 -7.43 -15.25 -7.13
N ALA A 106 -6.33 -15.84 -6.72
CA ALA A 106 -5.68 -15.29 -5.52
C ALA A 106 -4.61 -14.18 -5.80
N CYS A 107 -4.54 -13.70 -7.06
CA CYS A 107 -3.65 -12.57 -7.44
C CYS A 107 -4.21 -11.17 -7.06
N PRO A 108 -3.44 -10.43 -6.26
CA PRO A 108 -3.93 -9.18 -5.69
C PRO A 108 -3.89 -8.09 -6.69
N ARG A 109 -2.85 -8.01 -7.52
CA ARG A 109 -2.86 -7.06 -8.70
C ARG A 109 -4.07 -7.23 -9.63
N SER A 110 -4.33 -8.47 -10.05
CA SER A 110 -5.50 -8.85 -10.86
C SER A 110 -6.82 -8.40 -10.23
N LEU A 111 -7.10 -8.81 -8.98
CA LEU A 111 -8.28 -8.33 -8.23
C LEU A 111 -8.39 -6.81 -8.33
N LEU A 112 -7.31 -6.07 -8.03
CA LEU A 112 -7.47 -4.61 -8.14
C LEU A 112 -7.78 -4.17 -9.58
N ARG A 113 -7.16 -4.79 -10.57
CA ARG A 113 -7.47 -4.47 -11.96
C ARG A 113 -8.91 -4.78 -12.39
N ALA A 114 -9.56 -5.71 -11.71
CA ALA A 114 -10.91 -6.15 -12.10
C ALA A 114 -11.89 -5.17 -11.50
N GLU A 115 -11.47 -4.58 -10.40
CA GLU A 115 -12.29 -3.68 -9.60
C GLU A 115 -12.24 -2.31 -10.22
N VAL A 116 -11.07 -1.94 -10.71
CA VAL A 116 -10.97 -0.74 -11.55
C VAL A 116 -11.81 -0.81 -12.85
N GLU A 117 -11.70 -1.91 -13.59
CA GLU A 117 -12.68 -2.27 -14.64
C GLU A 117 -14.17 -2.03 -14.25
N ARG A 118 -14.65 -2.70 -13.18
CA ARG A 118 -16.00 -2.51 -12.62
C ARG A 118 -16.26 -1.04 -12.32
N TYR A 119 -15.19 -0.33 -11.94
CA TYR A 119 -15.30 1.09 -11.84
C TYR A 119 -15.50 1.74 -13.20
N ARG A 120 -14.64 1.40 -14.19
CA ARG A 120 -14.72 2.01 -15.52
C ARG A 120 -16.13 1.76 -16.12
N ASP A 121 -16.59 0.51 -16.09
CA ASP A 121 -17.89 0.09 -16.65
C ASP A 121 -19.05 1.03 -16.36
N SER A 122 -19.13 1.50 -15.12
CA SER A 122 -20.11 2.51 -14.74
C SER A 122 -19.58 3.95 -14.82
N GLY A 123 -18.52 4.19 -15.59
CA GLY A 123 -18.06 5.56 -15.91
C GLY A 123 -17.10 6.32 -14.97
N LEU A 124 -16.52 5.63 -13.97
CA LEU A 124 -15.56 6.21 -13.02
C LEU A 124 -14.08 5.78 -13.23
N GLN A 125 -13.18 6.75 -13.35
CA GLN A 125 -11.75 6.55 -13.31
C GLN A 125 -11.33 6.64 -11.84
N VAL A 126 -10.38 5.81 -11.41
CA VAL A 126 -9.87 5.92 -10.05
C VAL A 126 -8.50 6.54 -9.95
N ILE A 127 -8.41 7.61 -9.19
CA ILE A 127 -7.20 8.40 -9.13
C ILE A 127 -6.80 8.36 -7.68
N ALA A 128 -5.58 7.90 -7.45
CA ALA A 128 -5.09 7.72 -6.09
C ALA A 128 -3.59 7.97 -5.94
N ALA A 129 -3.25 8.31 -4.70
CA ALA A 129 -1.86 8.45 -4.27
C ALA A 129 -1.72 7.97 -2.81
N PHE A 130 -0.71 7.14 -2.60
CA PHE A 130 -0.30 6.65 -1.27
C PHE A 130 0.83 7.54 -0.69
N GLU A 131 0.68 7.96 0.57
CA GLU A 131 1.70 8.74 1.25
C GLU A 131 2.35 7.77 2.18
N HIS A 132 3.68 7.80 2.23
CA HIS A 132 4.45 6.82 2.95
C HIS A 132 5.33 7.45 3.98
N GLU A 133 5.31 6.90 5.21
CA GLU A 133 6.22 7.35 6.23
C GLU A 133 7.17 6.18 6.61
N PHE A 134 8.41 6.53 6.95
CA PHE A 134 9.40 5.52 7.28
C PHE A 134 10.47 6.05 8.24
N SER A 135 11.21 5.12 8.81
CA SER A 135 12.33 5.41 9.68
C SER A 135 13.51 5.25 8.82
N LEU A 136 14.48 6.16 8.99
CA LEU A 136 15.79 6.07 8.37
C LEU A 136 16.82 5.82 9.44
N LEU A 137 17.37 4.60 9.44
CA LEU A 137 18.36 4.16 10.41
C LEU A 137 19.75 4.09 9.85
N GLY A 138 20.66 4.55 10.69
CA GLY A 138 22.09 4.36 10.51
C GLY A 138 22.78 5.68 10.28
N LEU A 139 22.06 6.78 10.41
CA LEU A 139 22.62 8.03 9.92
C LEU A 139 23.75 8.39 10.84
N PRO A 140 24.79 9.01 10.29
CA PRO A 140 25.84 9.46 11.21
C PRO A 140 25.31 10.65 12.04
N GLY A 141 26.20 11.26 12.82
CA GLY A 141 25.88 12.50 13.51
C GLY A 141 25.25 12.34 14.86
N GLU A 142 24.82 13.49 15.39
CA GLU A 142 24.24 13.65 16.73
C GLU A 142 22.96 12.79 17.00
N ARG A 143 22.44 12.81 18.24
CA ARG A 143 21.03 12.49 18.49
C ARG A 143 20.14 13.13 17.37
N PRO A 144 18.95 12.53 17.05
CA PRO A 144 18.04 13.10 16.03
C PRO A 144 17.61 14.50 16.41
N ALA A 145 17.43 15.38 15.43
CA ALA A 145 16.98 16.72 15.81
C ALA A 145 15.45 16.79 15.91
N ALA A 146 14.99 17.99 16.25
CA ALA A 146 13.61 18.25 16.39
C ALA A 146 12.74 17.76 15.21
N ALA A 147 11.53 17.31 15.55
CA ALA A 147 10.51 16.96 14.59
C ALA A 147 10.31 18.06 13.52
N PHE A 148 10.22 17.65 12.26
CA PHE A 148 9.82 18.53 11.15
C PHE A 148 10.92 19.55 10.75
N SER A 149 12.12 19.45 11.34
CA SER A 149 13.08 20.53 11.38
C SER A 149 14.10 20.45 10.25
N LEU A 150 14.60 21.63 9.84
CA LEU A 150 15.57 21.73 8.73
C LEU A 150 16.77 20.86 9.11
N GLN A 151 17.13 20.88 10.39
CA GLN A 151 18.27 20.09 10.78
C GLN A 151 18.03 18.63 10.57
N ALA A 152 16.79 18.18 10.72
CA ALA A 152 16.52 16.73 10.57
C ALA A 152 16.59 16.37 9.12
N GLN A 153 16.15 17.27 8.23
CA GLN A 153 16.30 17.00 6.82
C GLN A 153 17.81 17.00 6.46
N ARG A 154 18.58 17.97 6.98
CA ARG A 154 20.01 18.00 6.76
C ARG A 154 20.76 16.81 7.25
N ALA A 155 20.30 16.20 8.36
CA ALA A 155 21.05 15.08 8.96
C ALA A 155 21.10 13.92 8.00
N ALA A 156 20.10 13.88 7.12
CA ALA A 156 19.92 12.77 6.16
C ALA A 156 20.97 12.83 5.04
N GLY A 157 21.81 13.88 5.05
CA GLY A 157 22.95 13.99 4.13
C GLY A 157 22.47 14.02 2.67
N GLN A 158 23.05 13.13 1.86
CA GLN A 158 22.71 12.99 0.40
C GLN A 158 21.46 12.09 0.10
N PHE A 159 20.87 11.52 1.15
CA PHE A 159 19.78 10.55 1.01
C PHE A 159 18.55 11.18 0.40
N PRO A 160 18.03 12.29 0.98
CA PRO A 160 16.82 12.83 0.31
C PRO A 160 17.04 13.19 -1.18
N GLY A 161 18.14 13.89 -1.50
CA GLY A 161 18.50 14.21 -2.92
C GLY A 161 18.55 12.96 -3.78
N TRP A 162 19.13 11.89 -3.26
CA TRP A 162 19.24 10.62 -4.03
C TRP A 162 17.96 9.86 -4.01
N LEU A 163 17.14 10.12 -3.03
CA LEU A 163 15.89 9.40 -2.98
C LEU A 163 14.96 9.94 -4.04
N VAL A 164 14.67 11.21 -3.98
CA VAL A 164 13.89 11.89 -5.03
C VAL A 164 14.40 11.59 -6.44
N SER A 165 15.69 11.52 -6.61
CA SER A 165 16.19 11.27 -7.96
C SER A 165 15.89 9.85 -8.37
N ALA A 166 16.20 8.91 -7.48
CA ALA A 166 15.82 7.49 -7.71
C ALA A 166 14.30 7.30 -8.00
N LEU A 167 13.44 7.93 -7.20
CA LEU A 167 12.01 7.85 -7.45
C LEU A 167 11.67 8.54 -8.79
N ALA A 168 12.24 9.72 -9.09
CA ALA A 168 12.06 10.30 -10.48
C ALA A 168 12.43 9.34 -11.60
N GLN A 169 13.66 8.79 -11.52
CA GLN A 169 14.05 7.79 -12.50
C GLN A 169 13.10 6.64 -12.54
N ALA A 170 12.48 6.29 -11.42
CA ALA A 170 11.63 5.11 -11.42
C ALA A 170 10.26 5.45 -11.96
N GLY A 171 10.07 6.69 -12.41
CA GLY A 171 8.74 7.11 -12.90
C GLY A 171 7.65 7.23 -11.83
N THR A 172 8.05 7.42 -10.58
CA THR A 172 7.03 7.62 -9.52
C THR A 172 6.50 9.10 -9.47
N GLU A 173 7.13 10.01 -10.17
CA GLU A 173 6.79 11.44 -9.95
C GLU A 173 6.90 11.89 -8.47
N PRO A 174 8.07 11.67 -7.87
CA PRO A 174 8.21 12.20 -6.53
C PRO A 174 7.77 13.69 -6.48
N GLU A 175 7.24 14.17 -5.37
CA GLU A 175 6.89 15.58 -5.31
C GLU A 175 7.23 16.28 -3.98
N MET A 176 7.18 15.59 -2.82
CA MET A 176 7.45 16.18 -1.52
C MET A 176 8.38 15.24 -0.74
N PHE A 177 9.37 15.77 -0.01
CA PHE A 177 10.17 14.96 0.92
C PHE A 177 10.27 15.78 2.18
N LEU A 178 10.08 15.17 3.33
CA LEU A 178 10.07 15.97 4.55
C LEU A 178 10.43 15.14 5.77
N PRO A 179 11.17 15.70 6.74
CA PRO A 179 11.28 14.98 8.06
C PRO A 179 9.92 15.05 8.74
N GLU A 180 9.52 13.96 9.41
CA GLU A 180 8.20 13.90 10.06
C GLU A 180 8.33 13.96 11.61
N TYR A 181 7.27 13.55 12.30
CA TYR A 181 7.15 13.81 13.74
C TYR A 181 8.14 12.97 14.55
N GLY A 182 8.32 11.70 14.21
CA GLY A 182 9.19 10.86 15.03
C GLY A 182 10.65 10.98 14.73
N GLN A 183 11.45 10.48 15.66
CA GLN A 183 12.88 10.54 15.46
C GLN A 183 13.30 9.66 14.27
N ARG A 184 14.06 10.24 13.34
CA ARG A 184 14.47 9.52 12.08
C ARG A 184 13.26 9.24 11.18
N GLN A 185 12.11 9.88 11.43
CA GLN A 185 11.03 9.66 10.54
C GLN A 185 11.07 10.65 9.36
N TYR A 186 10.86 10.10 8.16
CA TYR A 186 10.69 10.89 6.92
C TYR A 186 9.45 10.47 6.14
N GLU A 187 9.00 11.35 5.26
CA GLU A 187 7.87 11.09 4.41
C GLU A 187 8.18 11.56 2.99
N VAL A 188 7.88 10.69 2.04
CA VAL A 188 7.91 11.08 0.66
C VAL A 188 6.51 10.86 0.02
N THR A 189 6.08 11.83 -0.78
CA THR A 189 4.78 11.79 -1.41
C THR A 189 5.05 11.94 -2.92
N CYS A 190 4.11 11.44 -3.70
CA CYS A 190 4.20 11.51 -5.12
C CYS A 190 2.90 11.96 -5.72
N ARG A 191 2.96 12.24 -7.04
CA ARG A 191 1.81 12.68 -7.76
C ARG A 191 0.81 11.52 -7.89
N PRO A 192 -0.50 11.80 -7.89
CA PRO A 192 -1.46 10.66 -8.02
C PRO A 192 -1.32 9.87 -9.35
N ALA A 193 -1.81 8.64 -9.42
CA ALA A 193 -1.82 7.83 -10.71
C ALA A 193 -3.19 7.19 -10.88
N GLN A 194 -3.55 6.72 -12.09
CA GLN A 194 -4.89 6.20 -12.27
C GLN A 194 -4.93 4.69 -12.10
N GLY A 195 -5.87 4.16 -11.34
CA GLY A 195 -6.01 2.74 -11.27
C GLY A 195 -4.82 2.00 -10.67
N VAL A 196 -4.36 1.00 -11.43
CA VAL A 196 -3.46 -0.05 -10.96
C VAL A 196 -2.13 0.62 -10.75
N ALA A 197 -1.80 1.50 -11.69
CA ALA A 197 -0.56 2.25 -11.63
C ALA A 197 -0.42 2.93 -10.25
N ALA A 198 -1.52 3.35 -9.64
CA ALA A 198 -1.48 4.01 -8.31
C ALA A 198 -0.92 3.05 -7.24
N ALA A 199 -1.45 1.82 -7.16
CA ALA A 199 -0.84 0.77 -6.32
C ALA A 199 0.60 0.33 -6.72
N ASP A 200 0.88 0.24 -8.02
CA ASP A 200 2.27 -0.02 -8.46
C ASP A 200 3.21 1.04 -7.88
N ARG A 201 2.74 2.29 -7.92
CA ARG A 201 3.52 3.41 -7.35
C ARG A 201 3.80 3.17 -5.85
N ALA A 202 2.78 2.75 -5.11
CA ALA A 202 2.98 2.53 -3.70
C ALA A 202 4.10 1.49 -3.56
N VAL A 203 4.06 0.41 -4.35
CA VAL A 203 5.11 -0.62 -4.24
C VAL A 203 6.50 -0.04 -4.63
N ASN A 204 6.55 0.60 -5.80
CA ASN A 204 7.75 1.27 -6.27
C ASN A 204 8.35 2.24 -5.26
N VAL A 205 7.51 3.09 -4.68
CA VAL A 205 8.03 3.98 -3.61
C VAL A 205 8.70 3.20 -2.45
N ARG A 206 8.18 2.02 -2.10
CA ARG A 206 8.76 1.28 -0.99
C ARG A 206 10.07 0.58 -1.39
N GLU A 207 10.04 0.00 -2.59
CA GLU A 207 11.12 -0.83 -2.98
C GLU A 207 12.36 0.02 -3.31
N VAL A 208 12.12 1.23 -3.84
CA VAL A 208 13.20 2.15 -4.21
C VAL A 208 13.76 2.82 -2.98
N THR A 209 12.92 3.30 -2.07
CA THR A 209 13.43 3.84 -0.77
C THR A 209 14.37 2.85 -0.08
N ARG A 210 13.89 1.61 0.08
CA ARG A 210 14.75 0.52 0.51
C ARG A 210 16.08 0.44 -0.29
N GLU A 211 16.02 0.42 -1.65
CA GLU A 211 17.27 0.35 -2.47
C GLU A 211 18.22 1.58 -2.30
N VAL A 212 17.70 2.76 -2.17
CA VAL A 212 18.56 3.90 -1.97
C VAL A 212 19.26 3.72 -0.61
N ALA A 213 18.46 3.50 0.46
CA ALA A 213 19.05 3.25 1.77
C ALA A 213 20.12 2.14 1.69
N ARG A 214 19.80 1.04 1.00
CA ARG A 214 20.80 -0.03 0.90
C ARG A 214 22.09 0.54 0.30
N GLN A 215 21.96 1.39 -0.74
CA GLN A 215 23.15 1.86 -1.47
C GLN A 215 24.05 2.74 -0.60
N MET A 216 23.51 3.24 0.50
CA MET A 216 24.26 4.22 1.34
C MET A 216 24.66 3.56 2.65
N GLY A 217 24.22 2.32 2.85
CA GLY A 217 24.65 1.56 4.02
C GLY A 217 23.64 1.89 5.10
N LEU A 218 22.53 2.52 4.75
CA LEU A 218 21.46 2.83 5.69
C LEU A 218 20.40 1.76 5.63
N ARG A 219 19.46 1.87 6.56
CA ARG A 219 18.32 1.00 6.59
C ARG A 219 17.00 1.79 6.71
N THR A 220 15.93 1.23 6.15
CA THR A 220 14.64 1.82 6.39
C THR A 220 13.74 0.92 7.25
N CYS A 221 12.79 1.54 7.92
CA CYS A 221 11.74 0.76 8.52
C CYS A 221 10.42 1.41 8.19
N PHE A 222 9.49 0.63 7.60
CA PHE A 222 8.12 1.04 7.32
C PHE A 222 7.09 0.38 8.26
N ALA A 223 7.54 -0.39 9.23
CA ALA A 223 6.58 -1.11 10.11
C ALA A 223 5.66 -0.09 10.72
N PRO A 224 4.39 -0.48 10.96
CA PRO A 224 3.50 0.51 11.61
C PRO A 224 4.12 1.12 12.86
N LEU A 225 4.77 0.31 13.72
CA LEU A 225 5.47 0.87 14.88
C LEU A 225 6.96 0.54 14.84
N PRO A 226 7.78 1.55 14.53
CA PRO A 226 9.23 1.33 14.27
C PRO A 226 10.00 0.76 15.48
N ALA A 227 9.62 1.18 16.67
CA ALA A 227 10.23 0.70 17.93
C ALA A 227 9.34 1.09 19.11
N PRO A 228 9.45 0.36 20.21
CA PRO A 228 8.49 0.67 21.27
C PRO A 228 8.41 2.17 21.71
N GLY A 229 7.19 2.70 21.81
CA GLY A 229 6.94 4.10 22.19
C GLY A 229 7.44 5.14 21.19
N ALA A 230 7.50 4.74 19.92
CA ALA A 230 7.89 5.62 18.87
C ALA A 230 6.63 6.15 18.24
N VAL A 231 6.70 7.32 17.64
CA VAL A 231 5.73 7.74 16.62
C VAL A 231 5.59 6.68 15.52
N THR A 232 4.34 6.43 15.13
CA THR A 232 3.95 5.36 14.26
C THR A 232 4.13 5.80 12.79
N ASN A 233 4.27 4.83 11.86
CA ASN A 233 4.48 5.06 10.45
C ASN A 233 3.12 4.72 9.78
N GLY A 234 2.41 5.74 9.32
CA GLY A 234 1.17 5.55 8.59
C GLY A 234 1.38 5.46 7.09
N VAL A 235 0.34 5.06 6.38
CA VAL A 235 0.23 5.13 4.95
C VAL A 235 -1.14 5.78 4.78
N HIS A 236 -1.25 6.80 3.95
CA HIS A 236 -2.54 7.43 3.71
C HIS A 236 -2.85 7.39 2.26
N LEU A 237 -4.09 7.06 1.96
CA LEU A 237 -4.45 6.86 0.58
C LEU A 237 -5.40 8.01 0.27
N HIS A 238 -5.03 8.88 -0.69
CA HIS A 238 -5.92 9.92 -1.23
C HIS A 238 -6.59 9.43 -2.45
N LEU A 239 -7.90 9.44 -2.45
CA LEU A 239 -8.70 8.99 -3.60
C LEU A 239 -9.62 10.08 -4.10
N SER A 240 -9.55 10.31 -5.42
CA SER A 240 -10.51 11.14 -6.12
C SER A 240 -11.14 10.23 -7.17
N LEU A 241 -12.36 10.56 -7.54
CA LEU A 241 -13.14 9.79 -8.52
C LEU A 241 -13.51 10.71 -9.67
N GLN A 242 -13.23 10.34 -10.91
CA GLN A 242 -13.45 11.24 -12.07
C GLN A 242 -14.24 10.62 -13.21
N HIS A 243 -15.14 11.40 -13.80
CA HIS A 243 -15.77 11.00 -15.05
C HIS A 243 -14.68 10.67 -16.04
N ALA A 244 -14.92 9.66 -16.88
CA ALA A 244 -13.93 9.20 -17.89
C ALA A 244 -13.43 10.35 -18.81
N ASP A 245 -12.87 11.39 -18.20
CA ASP A 245 -12.95 12.77 -18.75
C ASP A 245 -12.09 13.80 -17.99
N GLY A 246 -11.91 13.58 -16.69
CA GLY A 246 -11.17 14.50 -15.79
C GLY A 246 -12.09 15.33 -14.89
N SER A 247 -13.38 15.27 -15.21
CA SER A 247 -14.44 15.92 -14.45
C SER A 247 -14.57 15.29 -13.03
N PRO A 248 -14.25 16.06 -11.98
CA PRO A 248 -14.26 15.50 -10.62
C PRO A 248 -15.68 15.25 -10.18
N LEU A 249 -15.97 14.05 -9.71
CA LEU A 249 -17.34 13.64 -9.44
C LEU A 249 -17.55 13.47 -7.94
N LEU A 250 -16.49 13.67 -7.18
CA LEU A 250 -16.60 13.64 -5.74
C LEU A 250 -17.09 15.00 -5.26
N TYR A 251 -16.85 16.04 -6.06
CA TYR A 251 -16.93 17.40 -5.53
C TYR A 251 -17.96 18.35 -6.17
N GLU A 252 -18.69 19.04 -5.29
CA GLU A 252 -19.77 19.96 -5.65
C GLU A 252 -19.86 21.12 -4.69
N PRO A 253 -19.32 22.31 -5.09
CA PRO A 253 -19.36 23.48 -4.21
C PRO A 253 -20.77 23.65 -3.65
N GLY A 254 -20.89 24.27 -2.47
CA GLY A 254 -22.21 24.71 -2.03
C GLY A 254 -23.10 23.61 -1.46
N ARG A 255 -23.02 22.40 -2.01
CA ARG A 255 -23.37 21.21 -1.22
C ARG A 255 -22.31 21.12 -0.08
N PRO A 256 -22.73 20.79 1.15
CA PRO A 256 -21.80 21.08 2.22
C PRO A 256 -20.54 20.18 2.14
N ASN A 257 -19.42 20.61 2.75
CA ASN A 257 -18.11 19.96 2.55
C ASN A 257 -17.60 20.08 1.11
N ASP A 258 -18.52 20.32 0.16
CA ASP A 258 -18.26 20.36 -1.30
C ASP A 258 -18.32 18.93 -1.85
N LEU A 259 -18.98 18.06 -1.07
CA LEU A 259 -19.16 16.65 -1.38
C LEU A 259 -20.39 16.43 -2.27
N SER A 260 -20.23 15.62 -3.33
CA SER A 260 -21.30 15.13 -4.19
C SER A 260 -22.21 14.17 -3.51
N GLU A 261 -23.44 14.06 -4.00
CA GLU A 261 -24.28 12.93 -3.60
C GLU A 261 -23.51 11.63 -3.86
N LEU A 262 -23.07 11.44 -5.12
CA LEU A 262 -22.11 10.37 -5.40
C LEU A 262 -21.04 10.24 -4.27
N GLY A 263 -20.28 11.29 -4.06
CA GLY A 263 -19.32 11.35 -2.99
C GLY A 263 -19.83 10.76 -1.70
N GLU A 264 -20.93 11.30 -1.18
CA GLU A 264 -21.47 10.81 0.09
C GLU A 264 -21.80 9.31 0.06
N HIS A 265 -22.32 8.80 -1.06
CA HIS A 265 -22.57 7.36 -1.14
C HIS A 265 -21.26 6.60 -1.00
N TRP A 266 -20.29 6.99 -1.83
CA TRP A 266 -18.97 6.39 -1.76
C TRP A 266 -18.35 6.36 -0.36
N ALA A 267 -18.24 7.54 0.27
CA ALA A 267 -17.74 7.63 1.64
C ALA A 267 -18.55 6.77 2.62
N ALA A 268 -19.85 6.67 2.39
CA ALA A 268 -20.72 5.93 3.30
C ALA A 268 -20.43 4.40 3.32
N GLY A 269 -20.18 3.88 2.10
CA GLY A 269 -19.76 2.47 1.94
C GLY A 269 -18.45 2.11 2.60
N VAL A 270 -17.47 2.99 2.43
CA VAL A 270 -16.17 2.89 3.07
C VAL A 270 -16.42 2.87 4.58
N LEU A 271 -17.20 3.84 5.08
CA LEU A 271 -17.50 3.91 6.53
C LEU A 271 -18.20 2.66 7.08
N ALA A 272 -19.21 2.14 6.38
CA ALA A 272 -20.00 1.04 6.92
C ALA A 272 -19.19 -0.23 6.99
N HIS A 273 -18.25 -0.35 6.05
CA HIS A 273 -17.35 -1.49 5.99
C HIS A 273 -16.02 -1.34 6.66
N LEU A 274 -15.68 -0.15 7.12
CA LEU A 274 -14.34 0.01 7.75
C LEU A 274 -13.90 -1.08 8.72
N PRO A 275 -14.79 -1.56 9.64
CA PRO A 275 -14.17 -2.54 10.57
C PRO A 275 -13.64 -3.77 9.87
N ALA A 276 -14.18 -4.08 8.69
CA ALA A 276 -13.66 -5.19 7.87
C ALA A 276 -12.42 -4.76 7.10
N LEU A 277 -12.45 -3.51 6.60
CA LEU A 277 -11.40 -3.03 5.72
C LEU A 277 -10.10 -3.02 6.49
N CYS A 278 -10.23 -2.98 7.82
CA CYS A 278 -9.06 -2.98 8.66
C CYS A 278 -8.23 -4.25 8.55
N ALA A 279 -8.89 -5.36 8.27
CA ALA A 279 -8.22 -6.64 8.15
C ALA A 279 -7.36 -6.60 6.90
N LEU A 280 -7.74 -5.72 5.97
CA LEU A 280 -7.03 -5.64 4.68
C LEU A 280 -6.20 -4.35 4.53
N THR A 281 -6.44 -3.33 5.36
CA THR A 281 -5.62 -2.10 5.27
C THR A 281 -4.75 -1.85 6.52
N ALA A 282 -5.00 -2.60 7.59
CA ALA A 282 -4.08 -2.68 8.74
C ALA A 282 -3.91 -4.16 9.11
N PRO A 283 -3.26 -4.94 8.22
CA PRO A 283 -3.44 -6.36 8.14
C PRO A 283 -2.45 -7.15 8.92
N THR A 284 -1.62 -6.51 9.73
CA THR A 284 -0.71 -7.36 10.49
C THR A 284 -0.92 -7.19 11.98
N ALA A 285 -0.42 -8.16 12.73
CA ALA A 285 -0.53 -8.12 14.20
C ALA A 285 0.04 -6.80 14.76
N ALA A 286 1.19 -6.35 14.22
CA ALA A 286 1.81 -5.07 14.62
C ALA A 286 0.98 -3.86 14.26
N SER A 287 -0.04 -4.04 13.40
CA SER A 287 -0.82 -2.91 12.94
C SER A 287 -1.65 -2.32 14.07
N TYR A 288 -2.00 -3.18 15.04
CA TYR A 288 -2.89 -2.75 16.12
C TYR A 288 -2.20 -2.01 17.27
N LEU A 289 -0.86 -2.05 17.33
CA LEU A 289 -0.11 -1.11 18.19
C LEU A 289 -0.21 0.34 17.66
N ARG A 290 -0.50 0.49 16.37
CA ARG A 290 -0.68 1.79 15.70
C ARG A 290 -2.15 2.29 15.75
N LEU A 291 -3.09 1.42 15.37
CA LEU A 291 -4.55 1.77 15.33
C LEU A 291 -5.22 2.04 16.69
N LYS A 292 -4.88 1.23 17.69
CA LYS A 292 -5.29 1.48 19.06
C LYS A 292 -3.98 1.64 19.84
N PRO A 293 -3.33 2.86 19.75
CA PRO A 293 -1.99 2.99 20.37
C PRO A 293 -1.98 3.02 21.92
N HIS A 294 -2.76 3.92 22.51
CA HIS A 294 -2.85 4.11 23.98
C HIS A 294 -4.02 3.40 24.64
N HIS A 295 -3.89 3.17 25.96
CA HIS A 295 -4.77 2.31 26.82
C HIS A 295 -6.17 1.87 26.38
N TRP A 296 -7.00 2.81 25.92
CA TRP A 296 -8.41 2.51 25.60
C TRP A 296 -8.82 2.88 24.19
N SER A 297 -8.08 3.79 23.57
CA SER A 297 -8.44 4.50 22.33
C SER A 297 -9.73 4.07 21.57
N ALA A 298 -9.77 2.80 21.13
CA ALA A 298 -10.90 2.20 20.38
C ALA A 298 -10.95 2.55 18.89
N ALA A 299 -10.83 3.86 18.58
CA ALA A 299 -10.73 4.45 17.20
C ALA A 299 -11.94 4.14 16.32
N TYR A 300 -12.55 5.17 15.74
CA TYR A 300 -13.87 5.00 15.09
C TYR A 300 -13.97 5.24 13.56
N ALA A 301 -15.03 4.70 12.96
CA ALA A 301 -15.25 4.98 11.56
C ALA A 301 -16.16 6.19 11.50
N CYS A 302 -15.54 7.35 11.31
CA CYS A 302 -16.25 8.63 11.21
C CYS A 302 -15.55 9.45 10.12
N LEU A 303 -16.04 10.66 9.88
CA LEU A 303 -15.51 11.50 8.83
C LEU A 303 -15.02 12.85 9.40
N GLY A 304 -14.14 13.50 8.65
CA GLY A 304 -13.64 14.78 9.07
C GLY A 304 -13.44 15.71 7.90
N LEU A 305 -13.80 16.97 8.08
CA LEU A 305 -13.27 18.01 7.20
C LEU A 305 -12.04 18.48 7.95
N ARG A 306 -12.12 18.26 9.26
CA ARG A 306 -11.61 19.13 10.30
C ARG A 306 -10.36 18.58 10.96
N ASN A 307 -10.47 17.34 11.42
CA ASN A 307 -9.43 16.73 12.25
C ASN A 307 -8.90 15.39 11.75
N ARG A 308 -7.77 14.99 12.30
CA ARG A 308 -7.15 13.71 11.98
C ARG A 308 -7.25 12.74 13.15
N GLU A 309 -8.40 12.76 13.81
CA GLU A 309 -8.82 11.63 14.60
C GLU A 309 -9.85 10.86 13.74
N ALA A 310 -10.13 11.36 12.53
CA ALA A 310 -11.15 10.76 11.65
C ALA A 310 -10.49 9.68 10.81
N ALA A 311 -11.16 8.55 10.63
CA ALA A 311 -10.66 7.49 9.77
C ALA A 311 -10.71 7.91 8.29
N LEU A 312 -11.66 8.77 7.91
CA LEU A 312 -11.77 9.20 6.50
C LEU A 312 -11.86 10.69 6.51
N ARG A 313 -10.99 11.34 5.75
CA ARG A 313 -10.89 12.78 5.84
C ARG A 313 -11.02 13.41 4.49
N ILE A 314 -11.91 14.39 4.41
CA ILE A 314 -12.04 15.25 3.25
C ILE A 314 -10.88 16.24 3.23
N CYS A 315 -10.16 16.26 2.11
CA CYS A 315 -9.00 17.17 1.91
C CYS A 315 -9.46 18.33 1.05
N PRO A 316 -9.85 19.44 1.72
CA PRO A 316 -10.52 20.51 1.01
C PRO A 316 -9.55 21.13 0.02
N VAL A 317 -10.09 21.90 -0.91
CA VAL A 317 -9.26 22.57 -1.91
C VAL A 317 -8.38 23.72 -1.31
N VAL A 318 -7.29 24.06 -2.01
CA VAL A 318 -6.48 25.25 -1.67
C VAL A 318 -6.73 26.35 -2.76
N SER A 319 -7.42 27.43 -2.39
CA SER A 319 -7.59 28.56 -3.34
C SER A 319 -6.32 29.40 -3.40
N VAL A 320 -6.15 30.27 -2.42
CA VAL A 320 -4.91 30.99 -2.17
C VAL A 320 -4.29 31.84 -3.33
N GLY A 321 -3.63 31.19 -4.30
CA GLY A 321 -3.01 31.90 -5.42
C GLY A 321 -3.10 31.10 -6.71
N GLY A 322 -4.06 31.45 -7.56
CA GLY A 322 -4.43 30.60 -8.68
C GLY A 322 -5.15 29.41 -8.07
N LYS A 323 -4.84 28.21 -8.58
CA LYS A 323 -5.38 26.93 -8.07
C LYS A 323 -5.01 25.82 -9.07
N PRO A 324 -5.99 25.23 -9.83
CA PRO A 324 -7.48 25.22 -9.75
C PRO A 324 -8.16 24.21 -8.76
N LEU A 325 -9.41 24.48 -8.43
CA LEU A 325 -10.11 23.83 -7.31
C LEU A 325 -10.96 22.59 -7.73
N GLY A 326 -10.90 21.51 -6.98
CA GLY A 326 -11.75 20.37 -7.27
C GLY A 326 -11.04 19.21 -7.91
N LYS A 327 -10.21 19.48 -8.90
CA LYS A 327 -9.23 18.48 -9.39
C LYS A 327 -8.37 17.99 -8.20
N GLN A 328 -8.15 18.86 -7.22
CA GLN A 328 -7.30 18.54 -6.06
C GLN A 328 -8.15 18.07 -4.88
N TYR A 329 -9.46 18.05 -5.06
CA TYR A 329 -10.39 17.59 -4.03
C TYR A 329 -10.40 16.06 -4.00
N ASN A 330 -10.22 15.55 -2.78
CA ASN A 330 -10.12 14.13 -2.63
C ASN A 330 -10.49 13.73 -1.22
N LEU A 331 -10.51 12.41 -1.00
CA LEU A 331 -10.72 11.83 0.30
C LEU A 331 -9.58 10.90 0.71
N GLU A 332 -9.11 11.15 1.90
CA GLU A 332 -8.02 10.46 2.49
C GLU A 332 -8.47 9.45 3.58
N PHE A 333 -8.22 8.17 3.29
CA PHE A 333 -8.34 6.98 4.19
C PHE A 333 -7.06 6.83 5.03
N ARG A 334 -7.20 6.61 6.33
CA ARG A 334 -6.08 6.82 7.22
C ARG A 334 -5.66 5.58 7.98
N PRO A 335 -6.59 4.64 8.21
CA PRO A 335 -6.16 3.45 8.97
C PRO A 335 -5.44 2.42 8.08
N MET A 336 -4.29 2.86 7.56
CA MET A 336 -3.56 2.07 6.60
C MET A 336 -2.10 2.20 6.93
N ASP A 337 -1.34 1.13 6.70
CA ASP A 337 0.09 1.10 7.01
C ASP A 337 0.86 0.34 5.93
N ALA A 338 2.19 0.31 6.02
CA ALA A 338 2.98 -0.30 4.90
C ALA A 338 3.11 -1.83 4.95
N THR A 339 2.52 -2.48 5.96
CA THR A 339 2.51 -3.94 6.00
C THR A 339 1.44 -4.45 5.03
N THR A 340 0.66 -3.56 4.46
CA THR A 340 -0.31 -3.97 3.40
C THR A 340 0.28 -4.36 2.08
N CYS A 341 -0.54 -4.97 1.24
CA CYS A 341 -0.29 -5.13 -0.18
C CYS A 341 -0.99 -3.98 -0.97
N PRO A 342 -0.26 -2.94 -1.38
CA PRO A 342 -0.94 -1.76 -2.04
C PRO A 342 -2.19 -2.08 -2.89
N HIS A 343 -2.11 -3.06 -3.77
CA HIS A 343 -3.22 -3.56 -4.62
C HIS A 343 -4.35 -4.15 -3.89
N LEU A 344 -4.08 -4.98 -2.87
CA LEU A 344 -5.15 -5.55 -2.09
C LEU A 344 -5.85 -4.49 -1.25
N ALA A 345 -5.04 -3.63 -0.63
CA ALA A 345 -5.57 -2.58 0.20
C ALA A 345 -6.42 -1.63 -0.61
N MET A 346 -5.91 -1.11 -1.74
CA MET A 346 -6.68 -0.13 -2.53
C MET A 346 -7.96 -0.81 -3.09
N ALA A 347 -7.84 -1.99 -3.69
CA ALA A 347 -8.99 -2.83 -4.08
C ALA A 347 -10.05 -2.93 -3.01
N ALA A 348 -9.64 -3.28 -1.78
CA ALA A 348 -10.60 -3.41 -0.67
C ALA A 348 -11.39 -2.13 -0.38
N VAL A 349 -10.71 -0.99 -0.49
CA VAL A 349 -11.33 0.29 -0.17
C VAL A 349 -12.31 0.67 -1.28
N LEU A 350 -11.86 0.54 -2.52
CA LEU A 350 -12.67 0.96 -3.65
C LEU A 350 -13.91 0.09 -3.71
N ILE A 351 -13.80 -1.14 -3.17
CA ILE A 351 -14.93 -2.09 -3.15
C ILE A 351 -16.04 -1.53 -2.27
N ALA A 352 -15.70 -1.31 -0.98
CA ALA A 352 -16.70 -0.90 -0.02
C ALA A 352 -17.34 0.41 -0.45
N GLY A 353 -16.53 1.27 -1.06
CA GLY A 353 -17.00 2.52 -1.68
C GLY A 353 -18.00 2.20 -2.76
N ARG A 354 -17.63 1.30 -3.65
CA ARG A 354 -18.55 0.83 -4.72
C ARG A 354 -19.86 0.38 -4.10
N LEU A 355 -19.81 -0.56 -3.16
CA LEU A 355 -20.98 -1.00 -2.41
C LEU A 355 -21.77 0.16 -1.80
N GLY A 356 -21.08 1.23 -1.44
CA GLY A 356 -21.72 2.42 -0.91
C GLY A 356 -22.57 3.00 -2.00
N ILE A 357 -21.97 3.19 -3.17
CA ILE A 357 -22.63 3.82 -4.31
C ILE A 357 -23.78 3.01 -4.86
N GLU A 358 -23.56 1.69 -5.02
CA GLU A 358 -24.55 0.72 -5.55
C GLU A 358 -25.87 0.61 -4.76
N ARG A 359 -25.78 0.75 -3.44
CA ARG A 359 -26.93 0.68 -2.53
C ARG A 359 -27.35 2.06 -2.00
N ARG A 360 -26.93 3.10 -2.73
CA ARG A 360 -27.12 4.50 -2.34
C ARG A 360 -27.27 4.67 -0.84
N LEU A 361 -26.24 4.21 -0.12
CA LEU A 361 -26.08 4.30 1.31
C LEU A 361 -26.01 5.75 1.83
N PRO A 362 -26.83 6.06 2.84
CA PRO A 362 -26.86 7.46 3.27
C PRO A 362 -25.73 7.73 4.26
N LEU A 363 -25.33 8.99 4.45
CA LEU A 363 -24.20 9.33 5.30
C LEU A 363 -24.54 9.88 6.66
N ARG A 364 -24.68 9.01 7.67
CA ARG A 364 -25.00 9.42 9.05
C ARG A 364 -23.96 10.32 9.74
N ARG A 382 -27.03 6.89 16.95
CA ARG A 382 -25.66 6.45 16.69
C ARG A 382 -25.62 5.53 15.47
N GLY A 383 -24.79 5.90 14.49
CA GLY A 383 -24.62 5.15 13.23
C GLY A 383 -23.15 4.95 12.89
N ILE A 384 -22.39 4.50 13.89
CA ILE A 384 -20.94 4.63 13.91
C ILE A 384 -20.30 3.46 14.67
N GLN A 385 -19.44 2.68 14.00
CA GLN A 385 -18.70 1.53 14.61
C GLN A 385 -17.26 1.86 15.12
N ALA A 386 -16.83 1.18 16.17
CA ALA A 386 -15.40 1.13 16.52
C ALA A 386 -14.65 0.23 15.50
N LEU A 387 -13.45 0.68 15.11
CA LEU A 387 -12.51 -0.16 14.37
C LEU A 387 -11.97 -1.24 15.31
N PRO A 388 -11.73 -2.45 14.81
CA PRO A 388 -11.23 -3.50 15.71
C PRO A 388 -9.95 -3.10 16.47
N ALA A 389 -9.50 -3.96 17.38
CA ALA A 389 -8.38 -3.62 18.24
C ALA A 389 -7.22 -4.60 18.15
N THR A 390 -7.40 -5.73 17.48
CA THR A 390 -6.30 -6.69 17.23
C THR A 390 -6.56 -7.20 15.83
N LEU A 391 -5.57 -7.84 15.24
CA LEU A 391 -5.81 -8.55 13.99
C LEU A 391 -6.97 -9.55 14.04
N GLY A 392 -7.07 -10.27 15.19
CA GLY A 392 -8.11 -11.33 15.41
C GLY A 392 -9.51 -10.76 15.23
N ASP A 393 -9.77 -9.72 16.03
CA ASP A 393 -11.00 -8.94 15.89
C ASP A 393 -11.18 -8.45 14.48
N ALA A 394 -10.07 -8.10 13.79
CA ALA A 394 -10.23 -7.50 12.46
C ALA A 394 -10.62 -8.58 11.52
N LEU A 395 -10.04 -9.77 11.68
CA LEU A 395 -10.50 -10.94 10.86
C LEU A 395 -11.92 -11.48 11.19
N ASP A 396 -12.29 -11.50 12.48
CA ASP A 396 -13.69 -11.69 12.83
C ASP A 396 -14.52 -10.77 11.94
N CYS A 397 -14.25 -9.45 11.99
CA CYS A 397 -15.10 -8.49 11.27
C CYS A 397 -15.24 -8.76 9.80
N LEU A 398 -14.15 -9.17 9.16
CA LEU A 398 -14.13 -9.45 7.73
C LEU A 398 -14.99 -10.66 7.40
N GLN A 399 -14.95 -11.64 8.29
CA GLN A 399 -15.71 -12.86 8.07
C GLN A 399 -17.25 -12.55 8.14
N ARG A 400 -17.62 -11.58 9.00
CA ARG A 400 -19.02 -11.16 9.32
C ARG A 400 -19.71 -10.25 8.30
N ASP A 401 -18.92 -9.74 7.37
CA ASP A 401 -19.30 -8.73 6.41
C ASP A 401 -19.43 -9.47 5.09
N GLU A 402 -20.47 -10.28 4.99
CA GLU A 402 -20.69 -11.06 3.76
C GLU A 402 -20.85 -10.16 2.55
N ALA A 403 -21.38 -8.95 2.75
CA ALA A 403 -21.52 -8.09 1.58
C ALA A 403 -20.12 -7.89 0.91
N LEU A 404 -19.11 -7.58 1.74
CA LEU A 404 -17.76 -7.30 1.22
C LEU A 404 -17.06 -8.57 0.72
N CYS A 405 -17.06 -9.62 1.56
CA CYS A 405 -16.44 -10.88 1.24
C CYS A 405 -16.88 -11.33 -0.10
N ALA A 406 -18.16 -11.14 -0.38
CA ALA A 406 -18.70 -11.63 -1.62
C ALA A 406 -18.04 -10.97 -2.84
N GLU A 407 -17.45 -9.78 -2.71
CA GLU A 407 -16.82 -9.15 -3.89
C GLU A 407 -15.39 -9.67 -4.11
N LEU A 408 -14.88 -10.35 -3.09
CA LEU A 408 -13.54 -10.89 -3.17
C LEU A 408 -13.67 -12.24 -3.81
N PRO A 409 -12.80 -12.56 -4.79
CA PRO A 409 -12.67 -13.93 -5.32
C PRO A 409 -12.48 -14.88 -4.15
N LYS A 410 -13.31 -15.91 -4.08
CA LYS A 410 -13.31 -16.76 -2.90
C LYS A 410 -11.95 -17.37 -2.52
N PRO A 411 -11.18 -17.90 -3.48
CA PRO A 411 -9.86 -18.47 -3.10
C PRO A 411 -8.88 -17.49 -2.41
N LEU A 412 -8.95 -16.21 -2.77
CA LEU A 412 -8.16 -15.16 -2.11
C LEU A 412 -8.52 -15.05 -0.62
N LEU A 413 -9.82 -15.15 -0.39
CA LEU A 413 -10.32 -14.87 0.91
C LEU A 413 -9.85 -15.99 1.87
N ASP A 414 -10.01 -17.25 1.42
CA ASP A 414 -9.59 -18.46 2.14
C ASP A 414 -8.12 -18.44 2.42
N THR A 415 -7.36 -18.15 1.36
CA THR A 415 -5.89 -18.18 1.52
C THR A 415 -5.39 -17.02 2.41
N TYR A 416 -6.05 -15.88 2.28
CA TYR A 416 -5.80 -14.73 3.15
C TYR A 416 -6.20 -15.01 4.58
N LEU A 417 -7.46 -15.40 4.75
CA LEU A 417 -8.00 -15.67 6.07
C LEU A 417 -7.24 -16.74 6.81
N ALA A 418 -6.78 -17.74 6.11
CA ALA A 418 -5.97 -18.79 6.74
C ALA A 418 -4.56 -18.34 7.03
N MET A 419 -3.97 -17.67 6.04
CA MET A 419 -2.61 -17.19 6.23
C MET A 419 -2.50 -16.25 7.45
N LYS A 420 -3.54 -15.48 7.75
CA LYS A 420 -3.43 -14.48 8.82
C LYS A 420 -3.64 -15.07 10.23
N ARG A 421 -4.61 -15.98 10.35
CA ARG A 421 -4.77 -16.80 11.57
C ARG A 421 -3.40 -17.34 11.97
N HIS A 422 -2.73 -17.84 10.91
CA HIS A 422 -1.44 -18.44 11.04
C HIS A 422 -0.42 -17.44 11.44
N GLU A 423 -0.50 -16.25 10.84
CA GLU A 423 0.36 -15.18 11.27
C GLU A 423 0.10 -14.92 12.76
N LEU A 424 -1.16 -14.80 13.16
CA LEU A 424 -1.40 -14.50 14.59
C LEU A 424 -1.10 -15.69 15.51
N ALA A 425 -1.34 -16.91 15.06
CA ALA A 425 -0.77 -18.07 15.78
C ALA A 425 0.71 -17.79 16.02
N LEU A 426 1.46 -17.47 14.97
CA LEU A 426 2.90 -17.44 15.17
C LEU A 426 3.35 -16.39 16.17
N THR A 427 2.46 -15.46 16.51
CA THR A 427 2.87 -14.27 17.27
C THR A 427 2.35 -14.18 18.72
N ALA A 428 1.29 -14.94 18.97
CA ALA A 428 0.59 -14.94 20.26
C ALA A 428 1.45 -15.21 21.53
N GLY A 429 1.04 -14.57 22.62
CA GLY A 429 1.72 -14.59 23.91
C GLY A 429 2.75 -13.48 23.99
N LEU A 430 3.35 -13.26 22.80
CA LEU A 430 4.33 -12.22 22.51
C LEU A 430 3.88 -10.85 22.94
N SER A 431 4.71 -10.24 23.77
CA SER A 431 4.49 -8.93 24.34
C SER A 431 4.19 -7.90 23.25
N ASP A 432 3.52 -6.81 23.59
CA ASP A 432 3.39 -5.72 22.66
C ASP A 432 4.72 -5.29 22.06
N ASP A 433 5.73 -5.15 22.91
CA ASP A 433 7.07 -4.71 22.51
C ASP A 433 7.80 -5.68 21.57
N ASP A 434 8.03 -6.93 22.00
CA ASP A 434 8.54 -8.00 21.13
C ASP A 434 7.89 -8.08 19.72
N LEU A 435 6.60 -7.83 19.69
CA LEU A 435 5.82 -7.90 18.49
C LEU A 435 6.20 -6.75 17.58
N CYS A 436 6.41 -5.59 18.17
CA CYS A 436 6.82 -4.40 17.46
C CYS A 436 8.25 -4.55 16.98
N ARG A 437 9.10 -5.08 17.82
CA ARG A 437 10.47 -5.29 17.42
C ARG A 437 10.46 -6.36 16.38
N HIS A 438 9.53 -7.29 16.54
CA HIS A 438 9.52 -8.41 15.64
C HIS A 438 9.25 -7.82 14.29
N TYR A 439 8.19 -7.00 14.14
CA TYR A 439 7.75 -6.53 12.80
C TYR A 439 8.66 -5.44 12.17
N ALA A 440 9.22 -4.60 13.03
CA ALA A 440 10.24 -3.64 12.64
C ALA A 440 11.39 -4.33 11.91
N GLU A 441 11.38 -5.67 11.88
CA GLU A 441 12.40 -6.40 11.12
C GLU A 441 11.84 -6.93 9.83
N LEU A 442 10.52 -6.79 9.59
CA LEU A 442 9.88 -7.33 8.37
C LEU A 442 9.40 -6.27 7.36
N TYR A 443 9.37 -5.03 7.82
CA TYR A 443 8.88 -3.91 7.03
C TYR A 443 9.58 -2.62 7.48
MG MG B . 2.51 12.54 7.36
CA CA C . 14.10 -7.45 7.10
N GLU D . 2.38 9.10 11.60
CA GLU D . 0.87 9.21 11.51
C GLU D . 0.12 7.91 11.15
O GLU D . 0.41 6.83 11.67
CB GLU D . 0.47 10.30 10.52
CG GLU D . 0.79 11.69 11.01
CD GLU D . 0.60 12.71 9.94
OE1 GLU D . -0.32 13.53 10.11
OE2 GLU D . 1.34 12.69 8.93
OXT GLU D . -0.80 7.88 10.32
#